data_8TLG
#
_entry.id   8TLG
#
_cell.length_a   86.491
_cell.length_b   60.562
_cell.length_c   53.229
_cell.angle_alpha   90.000
_cell.angle_beta   123.100
_cell.angle_gamma   90.000
#
_symmetry.space_group_name_H-M   'C 1 2 1'
#
loop_
_entity.id
_entity.type
_entity.pdbx_description
1 polymer 'Cell division cycle-associated protein 7'
2 polymer 'DNA (34-MER)'
3 non-polymer 'ZINC ION'
4 non-polymer 1,2-ETHANEDIOL
5 non-polymer 'MAGNESIUM ION'
6 water water
#
loop_
_entity_poly.entity_id
_entity_poly.type
_entity_poly.pdbx_seq_one_letter_code
_entity_poly.pdbx_strand_id
1 'polypeptide(L)'
;GPLGSMTLPHIIRPVEEVTEEEIRNICSNSREKIYNRSLGSTCHQCRQKTTDTKTNCRNPDCWGIRGQFCGPCLRNRYGE
EVKDALLDPNWHCPPCRGICNCSFCRQRDGRCATGVLVYLAKYHGFGNVHAYLKSLKQEFEMQA
;
A
2 'polydeoxyribonucleotide'
;(DG)(DC)(DG)(DA)(DC)(DG)(DC)(DC)(DC)(DT)(DG)(DT)(DC)(DG)(DC)(DT)(DG)(DA)(DG)(DA)
(DA)(DG)(DC)(DG)(DT)(DT)(DT)(DG)(DC)(DG)(DT)(DC)(DG)(DC)
;
X
#
# COMPACT_ATOMS: atom_id res chain seq x y z
N MET A 6 -0.17 10.50 17.05
CA MET A 6 -0.55 9.11 16.81
C MET A 6 -0.53 8.79 15.32
N THR A 7 0.41 9.40 14.60
CA THR A 7 0.58 9.17 13.18
C THR A 7 1.76 8.21 12.96
N LEU A 8 1.50 7.12 12.24
CA LEU A 8 2.54 6.15 11.99
C LEU A 8 3.62 6.77 11.10
N PRO A 9 4.89 6.72 11.50
CA PRO A 9 5.94 7.36 10.71
C PRO A 9 6.08 6.70 9.34
N HIS A 10 6.06 7.52 8.29
CA HIS A 10 6.22 7.04 6.93
C HIS A 10 7.71 6.94 6.61
N ILE A 11 8.19 5.71 6.40
CA ILE A 11 9.59 5.46 6.05
C ILE A 11 9.64 4.99 4.61
N ILE A 12 10.51 5.61 3.81
CA ILE A 12 10.65 5.27 2.40
C ILE A 12 11.63 4.10 2.29
N ARG A 13 11.14 2.98 1.75
CA ARG A 13 11.97 1.78 1.61
C ARG A 13 12.65 1.80 0.25
N PRO A 14 13.98 1.75 0.19
CA PRO A 14 14.66 1.73 -1.11
C PRO A 14 14.30 0.48 -1.90
N VAL A 15 14.32 0.63 -3.23
CA VAL A 15 13.95 -0.48 -4.11
C VAL A 15 14.93 -1.62 -3.96
N GLU A 16 16.22 -1.31 -3.73
CA GLU A 16 17.23 -2.35 -3.58
C GLU A 16 17.01 -3.20 -2.34
N GLU A 17 16.26 -2.70 -1.36
CA GLU A 17 16.04 -3.41 -0.11
C GLU A 17 14.71 -4.16 -0.08
N VAL A 18 14.01 -4.22 -1.20
CA VAL A 18 12.80 -5.03 -1.31
C VAL A 18 13.22 -6.49 -1.49
N THR A 19 12.77 -7.36 -0.60
CA THR A 19 13.22 -8.74 -0.56
C THR A 19 12.25 -9.65 -1.30
N GLU A 20 12.72 -10.87 -1.57
CA GLU A 20 11.89 -11.86 -2.25
C GLU A 20 10.68 -12.25 -1.41
N GLU A 21 10.88 -12.41 -0.10
CA GLU A 21 9.76 -12.77 0.77
C GLU A 21 8.69 -11.69 0.78
N GLU A 22 9.09 -10.42 0.76
CA GLU A 22 8.13 -9.34 0.71
C GLU A 22 7.29 -9.42 -0.56
N ILE A 23 7.91 -9.73 -1.69
CA ILE A 23 7.18 -9.86 -2.95
C ILE A 23 6.21 -11.04 -2.87
N ARG A 24 6.67 -12.17 -2.32
CA ARG A 24 5.82 -13.35 -2.25
C ARG A 24 4.62 -13.18 -1.34
N ASN A 25 4.70 -12.28 -0.36
CA ASN A 25 3.61 -12.07 0.59
C ASN A 25 2.64 -10.98 0.14
N ILE A 26 2.73 -10.54 -1.12
CA ILE A 26 1.70 -9.67 -1.68
C ILE A 26 0.41 -10.47 -1.79
N CYS A 27 -0.70 -9.85 -1.38
CA CYS A 27 -1.99 -10.53 -1.38
C CYS A 27 -2.48 -10.75 -2.81
N SER A 28 -2.89 -11.98 -3.11
CA SER A 28 -3.43 -12.32 -4.42
C SER A 28 -4.94 -12.45 -4.42
N ASN A 29 -5.57 -12.52 -3.25
CA ASN A 29 -7.03 -12.60 -3.16
C ASN A 29 -7.46 -12.03 -1.82
N SER A 30 -8.44 -11.12 -1.86
CA SER A 30 -8.85 -10.39 -0.65
C SER A 30 -9.26 -11.33 0.48
N ARG A 31 -9.82 -12.49 0.15
CA ARG A 31 -10.32 -13.40 1.18
C ARG A 31 -9.21 -14.22 1.84
N GLU A 32 -7.99 -14.17 1.33
CA GLU A 32 -6.89 -14.94 1.91
C GLU A 32 -6.09 -14.15 2.93
N LYS A 33 -6.49 -12.92 3.24
CA LYS A 33 -5.71 -12.07 4.12
C LYS A 33 -5.67 -12.60 5.55
N ILE A 34 -4.58 -12.30 6.24
CA ILE A 34 -4.40 -12.67 7.65
C ILE A 34 -4.42 -11.40 8.47
N TYR A 35 -5.39 -11.30 9.38
CA TYR A 35 -5.54 -10.13 10.22
C TYR A 35 -4.66 -10.22 11.45
N ASN A 36 -4.00 -9.11 11.79
CA ASN A 36 -3.17 -9.04 12.98
C ASN A 36 -3.20 -7.58 13.46
N ARG A 37 -3.73 -7.37 14.67
CA ARG A 37 -3.88 -6.02 15.18
C ARG A 37 -2.55 -5.36 15.55
N SER A 38 -1.47 -6.13 15.65
CA SER A 38 -0.17 -5.61 16.05
C SER A 38 0.82 -5.52 14.90
N LEU A 39 1.03 -6.62 14.17
CA LEU A 39 2.01 -6.65 13.10
C LEU A 39 1.40 -6.38 11.73
N GLY A 40 0.08 -6.27 11.63
CA GLY A 40 -0.54 -5.99 10.36
C GLY A 40 -0.36 -4.55 9.93
N SER A 41 -0.65 -4.31 8.65
CA SER A 41 -0.61 -2.97 8.08
C SER A 41 -1.94 -2.69 7.40
N THR A 42 -2.44 -1.47 7.57
CA THR A 42 -3.74 -1.09 7.04
C THR A 42 -3.61 -0.65 5.59
N CYS A 43 -4.48 -1.20 4.73
CA CYS A 43 -4.60 -0.70 3.37
C CYS A 43 -5.50 0.53 3.37
N HIS A 44 -5.02 1.62 2.76
CA HIS A 44 -5.81 2.85 2.76
C HIS A 44 -7.14 2.67 2.03
N GLN A 45 -7.17 1.83 1.00
CA GLN A 45 -8.37 1.70 0.18
C GLN A 45 -9.45 0.92 0.91
N CYS A 46 -9.16 -0.32 1.32
CA CYS A 46 -10.16 -1.17 1.95
C CYS A 46 -10.15 -1.10 3.48
N ARG A 47 -9.16 -0.43 4.07
CA ARG A 47 -9.13 -0.14 5.50
C ARG A 47 -9.09 -1.42 6.36
N GLN A 48 -8.45 -2.47 5.83
CA GLN A 48 -8.23 -3.70 6.57
C GLN A 48 -6.77 -3.79 7.01
N LYS A 49 -6.54 -4.12 8.28
CA LYS A 49 -5.19 -4.21 8.83
C LYS A 49 -4.76 -5.67 8.81
N THR A 50 -3.90 -6.01 7.85
CA THR A 50 -3.51 -7.39 7.59
C THR A 50 -2.01 -7.44 7.34
N THR A 51 -1.46 -8.66 7.32
CA THR A 51 -0.02 -8.86 7.27
C THR A 51 0.53 -9.02 5.87
N ASP A 52 -0.31 -8.94 4.83
CA ASP A 52 0.21 -9.02 3.47
C ASP A 52 0.95 -7.73 3.11
N THR A 53 1.87 -7.85 2.16
CA THR A 53 2.72 -6.72 1.77
C THR A 53 1.89 -5.62 1.11
N LYS A 54 2.09 -4.39 1.56
CA LYS A 54 1.45 -3.21 0.98
C LYS A 54 2.48 -2.39 0.21
N THR A 55 1.97 -1.44 -0.56
CA THR A 55 2.83 -0.50 -1.27
C THR A 55 3.49 0.45 -0.28
N ASN A 56 4.57 1.08 -0.73
CA ASN A 56 5.31 2.07 0.05
C ASN A 56 5.46 3.31 -0.79
N CYS A 57 4.72 4.37 -0.44
CA CYS A 57 4.83 5.62 -1.18
C CYS A 57 6.22 6.21 -0.98
N ARG A 58 6.88 6.56 -2.08
CA ARG A 58 8.23 7.10 -2.03
C ARG A 58 8.25 8.61 -2.23
N ASN A 59 7.10 9.26 -2.10
CA ASN A 59 7.06 10.72 -2.05
C ASN A 59 7.49 11.19 -0.67
N PRO A 60 8.55 12.00 -0.55
CA PRO A 60 9.00 12.43 0.78
C PRO A 60 7.95 13.19 1.57
N ASP A 61 7.03 13.87 0.91
CA ASP A 61 6.01 14.65 1.61
C ASP A 61 4.80 13.81 2.00
N CYS A 62 4.79 12.52 1.66
CA CYS A 62 3.73 11.65 2.13
C CYS A 62 3.90 11.36 3.62
N TRP A 63 2.80 10.98 4.26
CA TRP A 63 2.82 10.72 5.69
C TRP A 63 1.79 9.67 6.03
N GLY A 64 2.01 8.99 7.16
CA GLY A 64 1.04 8.04 7.65
C GLY A 64 0.87 6.84 6.74
N ILE A 65 -0.35 6.29 6.74
CA ILE A 65 -0.65 5.05 6.03
C ILE A 65 -1.38 5.31 4.72
N ARG A 66 -1.57 6.57 4.32
CA ARG A 66 -2.33 6.87 3.12
C ARG A 66 -1.69 6.28 1.87
N GLY A 67 -0.40 5.98 1.91
CA GLY A 67 0.29 5.38 0.79
C GLY A 67 0.34 3.87 0.76
N GLN A 68 -0.31 3.19 1.70
CA GLN A 68 -0.25 1.74 1.80
C GLN A 68 -1.48 1.13 1.15
N PHE A 69 -1.26 0.33 0.11
CA PHE A 69 -2.33 -0.31 -0.64
C PHE A 69 -2.04 -1.79 -0.78
N CYS A 70 -3.07 -2.61 -0.60
CA CYS A 70 -2.90 -4.06 -0.71
C CYS A 70 -2.87 -4.46 -2.19
N GLY A 71 -2.49 -5.72 -2.43
CA GLY A 71 -2.45 -6.28 -3.76
C GLY A 71 -3.74 -6.10 -4.52
N PRO A 72 -4.83 -6.69 -4.02
CA PRO A 72 -6.11 -6.57 -4.76
C PRO A 72 -6.59 -5.14 -4.94
N CYS A 73 -6.39 -4.27 -3.96
CA CYS A 73 -6.94 -2.92 -4.06
C CYS A 73 -6.21 -2.09 -5.11
N LEU A 74 -4.88 -2.13 -5.13
CA LEU A 74 -4.15 -1.44 -6.18
C LEU A 74 -4.43 -2.06 -7.54
N ARG A 75 -4.59 -3.39 -7.58
CA ARG A 75 -4.88 -4.09 -8.82
C ARG A 75 -6.25 -3.68 -9.37
N ASN A 76 -7.27 -3.65 -8.51
CA ASN A 76 -8.63 -3.46 -8.94
C ASN A 76 -9.03 -1.98 -9.05
N ARG A 77 -8.52 -1.14 -8.16
CA ARG A 77 -8.95 0.25 -8.14
C ARG A 77 -8.08 1.18 -8.98
N TYR A 78 -6.88 0.74 -9.35
CA TYR A 78 -5.97 1.60 -10.11
C TYR A 78 -5.21 0.88 -11.21
N GLY A 79 -5.42 -0.42 -11.41
CA GLY A 79 -4.75 -1.13 -12.48
C GLY A 79 -3.24 -1.14 -12.34
N GLU A 80 -2.72 -1.16 -11.12
CA GLU A 80 -1.30 -1.21 -10.87
C GLU A 80 -0.98 -2.38 -9.95
N GLU A 81 0.20 -2.97 -10.14
CA GLU A 81 0.64 -4.11 -9.35
C GLU A 81 1.55 -3.64 -8.22
N VAL A 82 1.32 -4.20 -7.03
CA VAL A 82 2.12 -3.83 -5.87
C VAL A 82 3.59 -4.19 -6.10
N LYS A 83 3.84 -5.32 -6.77
CA LYS A 83 5.21 -5.71 -7.06
C LYS A 83 5.91 -4.67 -7.92
N ASP A 84 5.21 -4.14 -8.94
CA ASP A 84 5.79 -3.09 -9.76
C ASP A 84 6.00 -1.81 -8.96
N ALA A 85 5.03 -1.45 -8.11
CA ALA A 85 5.14 -0.24 -7.32
C ALA A 85 6.30 -0.32 -6.34
N LEU A 86 6.50 -1.47 -5.69
CA LEU A 86 7.59 -1.62 -4.74
C LEU A 86 8.95 -1.51 -5.43
N LEU A 87 9.05 -1.97 -6.66
CA LEU A 87 10.29 -1.88 -7.43
C LEU A 87 10.42 -0.55 -8.18
N ASP A 88 9.45 0.34 -8.05
CA ASP A 88 9.48 1.63 -8.74
C ASP A 88 10.11 2.67 -7.83
N PRO A 89 11.27 3.24 -8.19
CA PRO A 89 11.90 4.25 -7.32
C PRO A 89 11.08 5.52 -7.16
N ASN A 90 10.18 5.83 -8.10
CA ASN A 90 9.45 7.09 -8.10
C ASN A 90 7.95 6.91 -7.88
N TRP A 91 7.52 5.75 -7.41
CA TRP A 91 6.10 5.49 -7.26
C TRP A 91 5.51 6.36 -6.17
N HIS A 92 4.39 7.02 -6.49
CA HIS A 92 3.65 7.83 -5.54
C HIS A 92 2.25 7.25 -5.39
N CYS A 93 1.73 7.30 -4.17
CA CYS A 93 0.42 6.72 -3.90
C CYS A 93 -0.68 7.51 -4.60
N PRO A 94 -1.82 6.88 -4.86
CA PRO A 94 -2.94 7.59 -5.49
C PRO A 94 -3.37 8.82 -4.71
N PRO A 95 -3.39 8.78 -3.36
CA PRO A 95 -3.67 10.04 -2.64
C PRO A 95 -2.68 11.15 -2.97
N CYS A 96 -1.39 10.83 -3.10
CA CYS A 96 -0.43 11.85 -3.49
C CYS A 96 -0.72 12.38 -4.90
N ARG A 97 -1.08 11.48 -5.81
CA ARG A 97 -1.40 11.86 -7.19
C ARG A 97 -2.76 12.52 -7.32
N GLY A 98 -3.55 12.56 -6.24
CA GLY A 98 -4.87 13.17 -6.32
C GLY A 98 -5.88 12.36 -7.09
N ILE A 99 -5.68 11.04 -7.20
CA ILE A 99 -6.55 10.18 -7.97
C ILE A 99 -7.15 9.06 -7.13
N CYS A 100 -7.07 9.17 -5.81
CA CYS A 100 -7.61 8.13 -4.96
C CYS A 100 -9.13 8.08 -5.05
N ASN A 101 -9.68 6.90 -5.29
CA ASN A 101 -11.13 6.71 -5.43
C ASN A 101 -11.74 5.93 -4.28
N CYS A 102 -11.08 5.94 -3.11
CA CYS A 102 -11.67 5.30 -1.95
C CYS A 102 -12.91 6.06 -1.49
N SER A 103 -13.69 5.43 -0.61
CA SER A 103 -14.98 5.98 -0.22
C SER A 103 -14.84 7.35 0.43
N PHE A 104 -13.68 7.64 1.03
CA PHE A 104 -13.48 8.93 1.68
C PHE A 104 -12.94 9.97 0.71
N CYS A 105 -11.95 9.62 -0.10
CA CYS A 105 -11.27 10.59 -0.94
C CYS A 105 -12.11 11.03 -2.15
N ARG A 106 -13.09 10.23 -2.56
CA ARG A 106 -13.83 10.57 -3.78
C ARG A 106 -14.99 11.52 -3.51
N GLN A 107 -15.61 11.45 -2.33
CA GLN A 107 -16.60 12.46 -1.98
C GLN A 107 -15.95 13.81 -1.73
N ARG A 108 -14.73 13.82 -1.20
CA ARG A 108 -13.98 15.04 -0.99
C ARG A 108 -13.50 15.59 -2.32
#